data_8ORA
#
_entry.id   8ORA
#
_cell.length_a   107.642
_cell.length_b   107.642
_cell.length_c   218.242
_cell.angle_alpha   90.00
_cell.angle_beta   90.00
_cell.angle_gamma   120.00
#
_symmetry.space_group_name_H-M   'P 61 2 2'
#
loop_
_entity.id
_entity.type
_entity.pdbx_description
1 polymer 'Dopa decarboxylase (Aromatic L-amino acid decarboxylase)'
2 non-polymer "PYRIDOXAL-5'-PHOSPHATE"
3 non-polymer 'methyl (2~{R})-2-azanyl-3-[3,4-bis(oxidanyl)phenyl]propanoate'
4 non-polymer 'TETRAETHYLENE GLYCOL'
5 water water
#
_entity_poly.entity_id   1
_entity_poly.type   'polypeptide(L)'
_entity_poly.pdbx_seq_one_letter_code
;MNASEFRRRGKEMVDYVANYMEGIEGRQVYPDVEPGYLRPLIPAAAPQEPDTFEDIINDVEKIIMPGVTHWHSPYFFAYF
PTASSYPAMLADMLCGAIGCIGFSWAASPACTELETVMMDWLGKMLELPKAFLNEKAGEGGGVIQGSASEATLVALLAAR
TKVIHRLQAASPELTQAAIMEKLVAYSSDQAHSSVERAGLIGGVKLKAIPSDGNFAMRASALQEALERDKAAGLIPFFMV
ATLGTTTCCSFDNLLEVGPICNKEDIWLHVDAAYAGSAFICPEFRHLLNGVEFADSFNFNPHKWLLVNFDCSAMWVKKRT
DLTGAFRLDPTYLKHSHQDSGLITDYRHWQIPLGRRFRSLKMWFVFRMYGVKGLQAYIRKHVQLSHEFESLVRQDPRFEI
CVEVILGLVCFRLKGSNKVNEALLQRINSAKKIHLVPCHLRDKFVLRFAICSRTVESAHVQRAWEHIKELAADVLRAERE
;
_entity_poly.pdbx_strand_id   A
#
loop_
_chem_comp.id
_chem_comp.type
_chem_comp.name
_chem_comp.formula
PG4 non-polymer 'TETRAETHYLENE GLYCOL' 'C8 H18 O5'
PLP non-polymer PYRIDOXAL-5'-PHOSPHATE 'C8 H10 N O6 P'
W5I non-polymer 'methyl (2~{R})-2-azanyl-3-[3,4-bis(oxidanyl)phenyl]propanoate' 'C10 H13 N O4'
#
# COMPACT_ATOMS: atom_id res chain seq x y z
N MET A 1 -16.88 -24.56 -20.33
CA MET A 1 -15.59 -24.98 -20.83
C MET A 1 -15.03 -26.14 -20.02
N ASN A 2 -14.37 -27.08 -20.70
CA ASN A 2 -13.72 -28.21 -20.03
C ASN A 2 -12.22 -27.95 -19.94
N ALA A 3 -11.50 -28.94 -19.40
CA ALA A 3 -10.07 -28.78 -19.16
C ALA A 3 -9.28 -28.79 -20.46
N SER A 4 -9.66 -29.65 -21.41
CA SER A 4 -8.93 -29.72 -22.67
C SER A 4 -9.02 -28.41 -23.43
N GLU A 5 -10.17 -27.75 -23.36
CA GLU A 5 -10.31 -26.42 -23.97
C GLU A 5 -9.50 -25.38 -23.22
N PHE A 6 -9.39 -25.51 -21.89
CA PHE A 6 -8.59 -24.58 -21.11
C PHE A 6 -7.10 -24.76 -21.39
N ARG A 7 -6.68 -25.98 -21.74
CA ARG A 7 -5.28 -26.18 -22.13
C ARG A 7 -4.92 -25.34 -23.33
N ARG A 8 -5.80 -25.29 -24.33
CA ARG A 8 -5.53 -24.49 -25.52
C ARG A 8 -5.65 -23.00 -25.24
N ARG A 9 -6.81 -22.57 -24.73
CA ARG A 9 -7.04 -21.15 -24.49
C ARG A 9 -6.13 -20.59 -23.41
N GLY A 10 -5.81 -21.39 -22.39
CA GLY A 10 -4.93 -20.91 -21.34
C GLY A 10 -3.53 -20.62 -21.85
N LYS A 11 -3.01 -21.49 -22.73
CA LYS A 11 -1.69 -21.25 -23.30
C LYS A 11 -1.72 -20.09 -24.30
N GLU A 12 -2.88 -19.84 -24.91
CA GLU A 12 -3.01 -18.67 -25.77
C GLU A 12 -3.03 -17.38 -24.96
N MET A 13 -3.68 -17.41 -23.79
CA MET A 13 -3.68 -16.24 -22.92
C MET A 13 -2.29 -15.97 -22.35
N VAL A 14 -1.49 -17.02 -22.13
CA VAL A 14 -0.11 -16.84 -21.71
C VAL A 14 0.67 -16.09 -22.79
N ASP A 15 0.45 -16.45 -24.06
CA ASP A 15 1.12 -15.76 -25.14
C ASP A 15 0.65 -14.30 -25.26
N TYR A 16 -0.65 -14.06 -25.08
CA TYR A 16 -1.16 -12.70 -25.15
C TYR A 16 -0.60 -11.84 -24.02
N VAL A 17 -0.48 -12.40 -22.82
CA VAL A 17 0.07 -11.66 -21.70
C VAL A 17 1.54 -11.34 -21.94
N ALA A 18 2.31 -12.33 -22.41
CA ALA A 18 3.73 -12.10 -22.68
C ALA A 18 3.91 -11.10 -23.81
N ASN A 19 3.07 -11.16 -24.84
CA ASN A 19 3.17 -10.21 -25.94
C ASN A 19 2.84 -8.80 -25.48
N TYR A 20 1.84 -8.65 -24.62
CA TYR A 20 1.48 -7.33 -24.11
C TYR A 20 2.61 -6.74 -23.27
N MET A 21 3.29 -7.57 -22.49
CA MET A 21 4.39 -7.08 -21.66
C MET A 21 5.60 -6.72 -22.49
N GLU A 22 5.89 -7.49 -23.53
CA GLU A 22 7.06 -7.23 -24.36
C GLU A 22 6.88 -6.01 -25.25
N GLY A 23 5.64 -5.56 -25.46
CA GLY A 23 5.40 -4.39 -26.30
C GLY A 23 4.72 -3.27 -25.55
N ILE A 24 4.88 -3.23 -24.22
CA ILE A 24 4.21 -2.22 -23.42
C ILE A 24 4.85 -0.84 -23.60
N GLU A 25 6.10 -0.78 -24.04
CA GLU A 25 6.73 0.52 -24.31
C GLU A 25 6.14 1.19 -25.55
N GLY A 26 5.58 0.42 -26.48
CA GLY A 26 4.87 1.01 -27.59
C GLY A 26 3.49 1.53 -27.25
N ARG A 27 3.03 1.29 -26.03
CA ARG A 27 1.72 1.75 -25.58
C ARG A 27 1.81 3.15 -24.98
N GLN A 28 0.81 3.96 -25.26
CA GLN A 28 0.69 5.25 -24.59
C GLN A 28 0.30 5.04 -23.13
N VAL A 29 1.06 5.64 -22.21
CA VAL A 29 0.91 5.33 -20.80
C VAL A 29 -0.47 5.74 -20.29
N TYR A 30 -0.98 6.88 -20.74
CA TYR A 30 -2.28 7.36 -20.30
C TYR A 30 -3.26 7.39 -21.46
N PRO A 31 -4.50 6.95 -21.25
CA PRO A 31 -5.44 6.82 -22.36
C PRO A 31 -5.95 8.18 -22.85
N ASP A 32 -6.39 8.19 -24.11
CA ASP A 32 -7.03 9.34 -24.72
C ASP A 32 -8.55 9.26 -24.65
N VAL A 33 -9.11 8.20 -24.06
CA VAL A 33 -10.55 8.04 -24.01
C VAL A 33 -11.16 9.07 -23.04
N GLU A 34 -12.44 9.34 -23.25
CA GLU A 34 -13.24 10.21 -22.42
C GLU A 34 -14.19 9.39 -21.57
N PRO A 35 -14.71 9.95 -20.47
CA PRO A 35 -15.66 9.20 -19.64
C PRO A 35 -16.88 8.75 -20.43
N GLY A 36 -17.33 7.53 -20.15
CA GLY A 36 -18.45 6.95 -20.85
C GLY A 36 -18.12 6.35 -22.20
N TYR A 37 -16.86 5.96 -22.41
CA TYR A 37 -16.45 5.45 -23.72
C TYR A 37 -16.86 3.99 -23.92
N LEU A 38 -16.94 3.20 -22.86
CA LEU A 38 -17.02 1.76 -23.02
C LEU A 38 -18.44 1.27 -23.29
N ARG A 39 -19.44 1.89 -22.65
CA ARG A 39 -20.81 1.40 -22.79
C ARG A 39 -21.32 1.40 -24.23
N PRO A 40 -21.11 2.43 -25.05
CA PRO A 40 -21.59 2.35 -26.45
C PRO A 40 -20.89 1.28 -27.28
N LEU A 41 -19.78 0.72 -26.82
CA LEU A 41 -18.99 -0.22 -27.61
C LEU A 41 -19.31 -1.67 -27.32
N ILE A 42 -20.16 -1.94 -26.34
CA ILE A 42 -20.54 -3.32 -26.02
C ILE A 42 -22.06 -3.39 -25.88
N PRO A 43 -22.65 -4.56 -26.09
CA PRO A 43 -24.11 -4.68 -26.01
C PRO A 43 -24.65 -4.34 -24.62
N ALA A 44 -25.92 -3.99 -24.59
CA ALA A 44 -26.58 -3.58 -23.36
C ALA A 44 -27.00 -4.75 -22.47
N ALA A 45 -26.97 -5.97 -22.99
CA ALA A 45 -27.36 -7.15 -22.23
C ALA A 45 -26.39 -8.28 -22.51
N ALA A 46 -26.41 -9.27 -21.61
CA ALA A 46 -25.54 -10.43 -21.76
C ALA A 46 -26.02 -11.30 -22.92
N PRO A 47 -25.10 -11.99 -23.60
CA PRO A 47 -25.51 -12.88 -24.70
C PRO A 47 -26.21 -14.12 -24.16
N GLN A 48 -27.39 -14.40 -24.72
CA GLN A 48 -28.10 -15.62 -24.34
C GLN A 48 -27.36 -16.87 -24.78
N GLU A 49 -26.66 -16.80 -25.92
CA GLU A 49 -25.84 -17.88 -26.43
C GLU A 49 -24.36 -17.52 -26.32
N PRO A 50 -23.48 -18.52 -26.22
CA PRO A 50 -22.07 -18.22 -25.94
C PRO A 50 -21.37 -17.51 -27.09
N ASP A 51 -20.52 -16.56 -26.73
CA ASP A 51 -19.63 -15.91 -27.68
C ASP A 51 -18.30 -16.66 -27.75
N THR A 52 -17.51 -16.35 -28.78
CA THR A 52 -16.26 -17.04 -29.03
C THR A 52 -15.11 -16.38 -28.29
N PHE A 53 -14.09 -17.17 -27.98
CA PHE A 53 -12.89 -16.64 -27.32
C PHE A 53 -12.14 -15.68 -28.23
N GLU A 54 -12.19 -15.90 -29.55
CA GLU A 54 -11.52 -15.00 -30.48
C GLU A 54 -12.15 -13.62 -30.48
N ASP A 55 -13.49 -13.56 -30.37
CA ASP A 55 -14.16 -12.27 -30.32
C ASP A 55 -13.91 -11.55 -29.00
N ILE A 56 -13.72 -12.31 -27.92
CA ILE A 56 -13.46 -11.70 -26.62
C ILE A 56 -12.06 -11.10 -26.58
N ILE A 57 -11.06 -11.88 -27.01
CA ILE A 57 -9.69 -11.37 -27.01
C ILE A 57 -9.53 -10.22 -28.00
N ASN A 58 -10.35 -10.20 -29.05
CA ASN A 58 -10.32 -9.06 -29.96
C ASN A 58 -10.90 -7.81 -29.31
N ASP A 59 -11.95 -7.97 -28.51
CA ASP A 59 -12.51 -6.85 -27.78
C ASP A 59 -11.58 -6.33 -26.69
N VAL A 60 -10.68 -7.18 -26.18
CA VAL A 60 -9.69 -6.70 -25.22
C VAL A 60 -8.77 -5.68 -25.86
N GLU A 61 -8.30 -5.95 -27.08
CA GLU A 61 -7.41 -5.02 -27.77
C GLU A 61 -8.17 -3.79 -28.27
N LYS A 62 -9.38 -4.00 -28.79
CA LYS A 62 -10.09 -2.92 -29.47
C LYS A 62 -10.79 -1.98 -28.49
N ILE A 63 -11.31 -2.51 -27.38
CA ILE A 63 -12.16 -1.74 -26.47
C ILE A 63 -11.49 -1.56 -25.11
N ILE A 64 -10.95 -2.65 -24.54
CA ILE A 64 -10.42 -2.59 -23.18
C ILE A 64 -9.10 -1.85 -23.15
N MET A 65 -8.16 -2.24 -24.03
CA MET A 65 -6.83 -1.64 -24.02
C MET A 65 -6.82 -0.12 -24.22
N PRO A 66 -7.62 0.47 -25.11
CA PRO A 66 -7.61 1.93 -25.22
C PRO A 66 -8.01 2.63 -23.93
N GLY A 67 -8.79 1.99 -23.07
CA GLY A 67 -9.17 2.59 -21.81
C GLY A 67 -8.35 2.08 -20.64
N VAL A 68 -7.10 1.70 -20.89
CA VAL A 68 -6.21 1.17 -19.87
C VAL A 68 -5.06 2.15 -19.66
N THR A 69 -4.87 2.56 -18.41
CA THR A 69 -3.67 3.29 -18.01
C THR A 69 -2.63 2.27 -17.56
N HIS A 70 -1.52 2.20 -18.28
CA HIS A 70 -0.56 1.12 -18.12
C HIS A 70 0.36 1.42 -16.93
N TRP A 71 0.05 0.84 -15.77
CA TRP A 71 0.87 1.03 -14.59
C TRP A 71 2.27 0.50 -14.76
N HIS A 72 2.47 -0.48 -15.63
CA HIS A 72 3.74 -1.18 -15.76
C HIS A 72 4.50 -0.79 -17.02
N SER A 73 4.05 0.25 -17.70
CA SER A 73 4.89 0.91 -18.69
C SER A 73 6.05 1.61 -17.99
N PRO A 74 7.25 1.58 -18.57
CA PRO A 74 8.38 2.29 -17.95
C PRO A 74 8.16 3.79 -17.83
N TYR A 75 7.25 4.37 -18.59
CA TYR A 75 6.94 5.79 -18.52
C TYR A 75 5.78 6.10 -17.58
N PHE A 76 5.39 5.15 -16.74
CA PHE A 76 4.40 5.38 -15.69
C PHE A 76 5.15 5.77 -14.42
N PHE A 77 5.05 7.04 -14.04
CA PHE A 77 5.71 7.54 -12.84
C PHE A 77 4.69 8.12 -11.86
N ALA A 78 3.47 7.61 -11.90
CA ALA A 78 2.39 8.18 -11.09
C ALA A 78 2.21 7.38 -9.80
N TYR A 79 1.68 8.08 -8.78
CA TYR A 79 1.36 7.50 -7.48
C TYR A 79 2.55 6.76 -6.88
N PHE A 80 2.40 5.45 -6.71
CA PHE A 80 3.43 4.56 -6.23
C PHE A 80 3.40 3.31 -7.09
N PRO A 81 4.50 2.55 -7.14
CA PRO A 81 4.50 1.33 -7.95
C PRO A 81 3.48 0.32 -7.46
N THR A 82 2.98 -0.49 -8.39
CA THR A 82 2.19 -1.67 -8.07
C THR A 82 2.89 -2.90 -8.63
N ALA A 83 2.67 -4.03 -7.99
CA ALA A 83 3.49 -5.22 -8.24
C ALA A 83 3.01 -5.96 -9.48
N SER A 84 3.96 -6.33 -10.34
CA SER A 84 3.70 -7.17 -11.51
C SER A 84 4.91 -8.07 -11.71
N SER A 85 4.83 -9.30 -11.22
CA SER A 85 5.88 -10.29 -11.41
C SER A 85 5.28 -11.57 -11.94
N TYR A 86 5.99 -12.20 -12.88
CA TYR A 86 5.51 -13.47 -13.44
C TYR A 86 5.40 -14.58 -12.40
N PRO A 87 6.29 -14.71 -11.40
CA PRO A 87 6.05 -15.73 -10.36
C PRO A 87 4.72 -15.55 -9.64
N ALA A 88 4.32 -14.31 -9.36
CA ALA A 88 3.03 -14.09 -8.70
C ALA A 88 1.87 -14.44 -9.62
N MET A 89 2.04 -14.24 -10.93
CA MET A 89 0.98 -14.62 -11.88
C MET A 89 0.84 -16.13 -11.94
N LEU A 90 1.95 -16.87 -11.90
CA LEU A 90 1.89 -18.33 -11.88
C LEU A 90 1.19 -18.83 -10.62
N ALA A 91 1.44 -18.19 -9.48
CA ALA A 91 0.80 -18.60 -8.24
C ALA A 91 -0.69 -18.27 -8.24
N ASP A 92 -1.08 -17.15 -8.85
CA ASP A 92 -2.50 -16.82 -8.94
C ASP A 92 -3.27 -17.84 -9.75
N MET A 93 -2.64 -18.41 -10.78
CA MET A 93 -3.29 -19.47 -11.56
C MET A 93 -3.53 -20.70 -10.70
N LEU A 94 -2.55 -21.06 -9.87
CA LEU A 94 -2.74 -22.19 -8.96
C LEU A 94 -3.74 -21.86 -7.85
N CYS A 95 -3.74 -20.60 -7.39
CA CYS A 95 -4.67 -20.20 -6.35
C CYS A 95 -6.11 -20.31 -6.82
N GLY A 96 -6.40 -19.85 -8.04
CA GLY A 96 -7.73 -20.00 -8.59
C GLY A 96 -8.09 -21.43 -8.91
N ALA A 97 -7.08 -22.27 -9.18
CA ALA A 97 -7.32 -23.68 -9.45
C ALA A 97 -7.76 -24.40 -8.18
N ILE A 98 -6.96 -24.30 -7.13
CA ILE A 98 -7.33 -24.90 -5.84
C ILE A 98 -8.68 -24.36 -5.38
N GLY A 99 -8.89 -23.06 -5.55
CA GLY A 99 -10.18 -22.45 -5.28
C GLY A 99 -10.68 -22.63 -3.86
N CYS A 100 -9.79 -22.48 -2.88
CA CYS A 100 -10.16 -22.67 -1.49
C CYS A 100 -10.59 -21.34 -0.87
N ILE A 101 -11.63 -21.42 -0.03
CA ILE A 101 -12.11 -20.25 0.72
C ILE A 101 -11.73 -20.46 2.18
N GLY A 102 -10.48 -20.13 2.51
CA GLY A 102 -9.93 -20.48 3.80
C GLY A 102 -10.33 -19.59 4.96
N PHE A 103 -11.63 -19.48 5.23
CA PHE A 103 -12.07 -18.77 6.43
C PHE A 103 -11.62 -19.48 7.69
N SER A 104 -11.51 -20.80 7.64
CA SER A 104 -11.07 -21.60 8.77
C SER A 104 -9.92 -22.50 8.32
N TRP A 105 -9.27 -23.13 9.31
CA TRP A 105 -8.22 -24.09 9.01
C TRP A 105 -8.78 -25.31 8.29
N ALA A 106 -10.00 -25.72 8.65
CA ALA A 106 -10.61 -26.88 8.00
C ALA A 106 -11.04 -26.59 6.57
N ALA A 107 -11.23 -25.31 6.22
CA ALA A 107 -11.58 -24.97 4.84
C ALA A 107 -10.47 -25.36 3.88
N SER A 108 -9.22 -25.19 4.30
CA SER A 108 -8.02 -25.66 3.61
C SER A 108 -6.81 -25.38 4.49
N PRO A 109 -6.26 -26.40 5.16
CA PRO A 109 -5.14 -26.16 6.08
C PRO A 109 -3.93 -25.49 5.44
N ALA A 110 -3.62 -25.83 4.18
CA ALA A 110 -2.45 -25.26 3.54
C ALA A 110 -2.60 -23.74 3.33
N CYS A 111 -3.82 -23.26 3.15
CA CYS A 111 -4.02 -21.83 2.92
C CYS A 111 -3.64 -21.02 4.15
N THR A 112 -3.99 -21.50 5.34
CA THR A 112 -3.67 -20.78 6.57
C THR A 112 -2.23 -21.01 7.00
N GLU A 113 -1.75 -22.25 6.91
CA GLU A 113 -0.44 -22.57 7.45
C GLU A 113 0.68 -21.98 6.60
N LEU A 114 0.51 -21.96 5.27
CA LEU A 114 1.53 -21.33 4.43
C LEU A 114 1.59 -19.83 4.66
N GLU A 115 0.44 -19.19 4.94
CA GLU A 115 0.44 -17.76 5.16
C GLU A 115 1.20 -17.38 6.42
N THR A 116 1.07 -18.19 7.48
CA THR A 116 1.74 -17.88 8.74
C THR A 116 3.26 -17.96 8.59
N VAL A 117 3.75 -18.95 7.85
CA VAL A 117 5.19 -19.09 7.68
C VAL A 117 5.73 -18.02 6.74
N MET A 118 4.95 -17.67 5.70
CA MET A 118 5.37 -16.61 4.79
C MET A 118 5.49 -15.27 5.51
N MET A 119 4.61 -15.01 6.48
CA MET A 119 4.74 -13.79 7.27
C MET A 119 5.98 -13.82 8.15
N ASP A 120 6.41 -15.01 8.59
CA ASP A 120 7.68 -15.11 9.32
C ASP A 120 8.85 -14.88 8.37
N TRP A 121 8.83 -15.50 7.19
CA TRP A 121 9.85 -15.25 6.19
C TRP A 121 10.01 -13.75 5.97
N LEU A 122 8.90 -13.07 5.66
CA LEU A 122 8.97 -11.65 5.38
C LEU A 122 9.41 -10.86 6.61
N GLY A 123 8.89 -11.22 7.79
CA GLY A 123 9.30 -10.53 9.01
C GLY A 123 10.78 -10.66 9.29
N LYS A 124 11.35 -11.85 9.01
CA LYS A 124 12.78 -12.03 9.20
C LYS A 124 13.58 -11.34 8.10
N MET A 125 13.01 -11.20 6.91
CA MET A 125 13.66 -10.43 5.85
C MET A 125 13.76 -8.96 6.23
N LEU A 126 12.71 -8.40 6.84
CA LEU A 126 12.74 -7.04 7.33
C LEU A 126 13.41 -6.91 8.70
N GLU A 127 13.89 -8.02 9.27
CA GLU A 127 14.51 -8.03 10.59
C GLU A 127 13.60 -7.40 11.63
N LEU A 128 12.32 -7.78 11.58
CA LEU A 128 11.35 -7.30 12.55
C LEU A 128 11.67 -7.83 13.94
N PRO A 129 11.25 -7.13 14.98
CA PRO A 129 11.38 -7.67 16.34
C PRO A 129 10.64 -9.00 16.45
N LYS A 130 11.20 -9.91 17.24
CA LYS A 130 10.65 -11.26 17.35
C LYS A 130 9.24 -11.26 17.95
N ALA A 131 8.83 -10.16 18.57
CA ALA A 131 7.50 -10.10 19.17
C ALA A 131 6.40 -10.13 18.10
N PHE A 132 6.69 -9.63 16.90
CA PHE A 132 5.71 -9.65 15.81
C PHE A 132 5.63 -10.99 15.10
N LEU A 133 6.57 -11.90 15.35
CA LEU A 133 6.70 -13.13 14.58
C LEU A 133 6.04 -14.29 15.32
N ASN A 134 5.20 -15.03 14.61
CA ASN A 134 4.61 -16.27 15.13
C ASN A 134 5.45 -17.44 14.65
N GLU A 135 6.50 -17.80 15.42
CA GLU A 135 7.30 -18.98 15.10
C GLU A 135 6.90 -20.20 15.93
N LYS A 136 5.61 -20.51 15.97
CA LYS A 136 4.98 -21.48 16.88
C LYS A 136 5.32 -21.22 18.35
N ALA A 137 5.98 -20.10 18.63
CA ALA A 137 6.11 -19.54 19.96
C ALA A 137 5.81 -18.05 19.92
N GLY A 138 5.35 -17.54 21.03
CA GLY A 138 5.06 -16.12 21.11
C GLY A 138 3.61 -15.80 20.84
N GLU A 139 3.20 -14.62 21.29
CA GLU A 139 1.83 -14.17 21.20
C GLU A 139 1.56 -13.33 19.95
N GLY A 140 2.59 -13.04 19.16
CA GLY A 140 2.44 -12.24 17.97
C GLY A 140 2.27 -13.11 16.72
N GLY A 141 1.91 -12.44 15.62
CA GLY A 141 1.72 -13.14 14.37
C GLY A 141 1.40 -12.16 13.26
N GLY A 142 1.32 -12.70 12.05
CA GLY A 142 1.06 -11.90 10.87
C GLY A 142 -0.07 -12.47 10.05
N VAL A 143 -0.64 -11.62 9.19
CA VAL A 143 -1.76 -11.99 8.35
C VAL A 143 -1.72 -11.16 7.07
N ILE A 144 -2.13 -11.78 5.97
CA ILE A 144 -2.31 -11.06 4.71
C ILE A 144 -3.63 -10.31 4.76
N GLN A 145 -3.58 -9.01 4.53
CA GLN A 145 -4.77 -8.18 4.42
C GLN A 145 -4.98 -7.79 2.96
N GLY A 146 -6.23 -7.43 2.64
CA GLY A 146 -6.55 -7.04 1.28
C GLY A 146 -5.93 -5.71 0.89
N SER A 147 -5.72 -4.82 1.85
CA SER A 147 -5.18 -3.50 1.56
C SER A 147 -4.60 -2.91 2.84
N ALA A 148 -3.72 -1.92 2.67
CA ALA A 148 -3.22 -1.18 3.81
C ALA A 148 -4.32 -0.36 4.47
N SER A 149 -5.30 0.09 3.69
CA SER A 149 -6.44 0.81 4.26
C SER A 149 -7.26 -0.09 5.17
N GLU A 150 -7.43 -1.35 4.77
CA GLU A 150 -8.13 -2.31 5.63
C GLU A 150 -7.32 -2.64 6.88
N ALA A 151 -6.00 -2.75 6.73
CA ALA A 151 -5.16 -3.05 7.89
C ALA A 151 -5.20 -1.92 8.91
N THR A 152 -5.22 -0.67 8.45
CA THR A 152 -5.33 0.47 9.35
C THR A 152 -6.67 0.46 10.08
N LEU A 153 -7.75 0.16 9.36
CA LEU A 153 -9.07 0.10 9.99
C LEU A 153 -9.15 -1.03 11.00
N VAL A 154 -8.58 -2.20 10.67
CA VAL A 154 -8.59 -3.32 11.60
C VAL A 154 -7.83 -2.97 12.87
N ALA A 155 -6.71 -2.24 12.73
CA ALA A 155 -5.94 -1.85 13.90
C ALA A 155 -6.70 -0.86 14.77
N LEU A 156 -7.43 0.08 14.14
CA LEU A 156 -8.22 1.04 14.90
C LEU A 156 -9.36 0.36 15.63
N LEU A 157 -10.00 -0.62 14.98
CA LEU A 157 -11.12 -1.31 15.62
C LEU A 157 -10.65 -2.16 16.80
N ALA A 158 -9.45 -2.74 16.71
CA ALA A 158 -8.91 -3.48 17.84
C ALA A 158 -8.52 -2.54 18.97
N ALA A 159 -7.97 -1.37 18.63
CA ALA A 159 -7.64 -0.38 19.65
C ALA A 159 -8.89 0.18 20.32
N ARG A 160 -9.96 0.37 19.55
CA ARG A 160 -11.20 0.86 20.12
C ARG A 160 -11.81 -0.14 21.09
N THR A 161 -11.76 -1.43 20.74
CA THR A 161 -12.31 -2.46 21.63
C THR A 161 -11.49 -2.56 22.91
N LYS A 162 -10.16 -2.42 22.82
CA LYS A 162 -9.34 -2.55 24.01
C LYS A 162 -9.52 -1.37 24.95
N VAL A 163 -9.61 -0.14 24.41
CA VAL A 163 -9.75 1.02 25.28
C VAL A 163 -11.13 1.05 25.93
N ILE A 164 -12.15 0.52 25.25
CA ILE A 164 -13.50 0.49 25.83
C ILE A 164 -13.53 -0.43 27.04
N HIS A 165 -12.90 -1.61 26.93
CA HIS A 165 -12.90 -2.54 28.05
C HIS A 165 -12.04 -2.06 29.20
N ARG A 166 -10.96 -1.33 28.91
CA ARG A 166 -10.13 -0.78 29.98
C ARG A 166 -10.88 0.32 30.73
N LEU A 167 -11.54 1.23 30.01
CA LEU A 167 -12.28 2.30 30.66
C LEU A 167 -13.50 1.75 31.38
N GLN A 168 -14.16 0.74 30.81
CA GLN A 168 -15.31 0.13 31.48
C GLN A 168 -14.87 -0.69 32.68
N ALA A 169 -13.63 -1.19 32.69
CA ALA A 169 -13.13 -1.87 33.87
C ALA A 169 -12.90 -0.88 35.01
N ALA A 170 -12.39 0.31 34.69
CA ALA A 170 -12.20 1.33 35.71
C ALA A 170 -13.52 1.94 36.14
N SER A 171 -14.41 2.21 35.18
CA SER A 171 -15.75 2.75 35.46
C SER A 171 -16.79 1.80 34.88
N PRO A 172 -17.34 0.89 35.67
CA PRO A 172 -18.30 -0.09 35.11
C PRO A 172 -19.57 0.55 34.58
N GLU A 173 -19.99 1.69 35.11
CA GLU A 173 -21.20 2.34 34.65
C GLU A 173 -21.03 3.06 33.32
N LEU A 174 -19.79 3.26 32.87
CA LEU A 174 -19.56 3.99 31.63
C LEU A 174 -20.10 3.21 30.44
N THR A 175 -20.95 3.85 29.65
CA THR A 175 -21.46 3.22 28.44
C THR A 175 -20.44 3.39 27.30
N GLN A 176 -20.56 2.53 26.30
CA GLN A 176 -19.63 2.57 25.18
C GLN A 176 -19.74 3.89 24.42
N ALA A 177 -20.97 4.35 24.18
CA ALA A 177 -21.17 5.57 23.40
C ALA A 177 -20.52 6.78 24.05
N ALA A 178 -20.61 6.89 25.39
CA ALA A 178 -19.97 8.00 26.08
C ALA A 178 -18.46 7.93 25.94
N ILE A 179 -17.89 6.73 25.91
CA ILE A 179 -16.47 6.58 25.65
C ILE A 179 -16.14 7.00 24.22
N MET A 180 -16.98 6.60 23.26
CA MET A 180 -16.74 6.95 21.87
C MET A 180 -16.70 8.46 21.66
N GLU A 181 -17.47 9.22 22.46
CA GLU A 181 -17.50 10.66 22.29
C GLU A 181 -16.16 11.30 22.67
N LYS A 182 -15.42 10.68 23.57
CA LYS A 182 -14.14 11.21 24.02
C LYS A 182 -12.94 10.58 23.33
N LEU A 183 -13.13 9.48 22.60
CA LEU A 183 -12.01 8.84 21.93
C LEU A 183 -11.50 9.72 20.79
N VAL A 184 -10.18 9.85 20.72
CA VAL A 184 -9.53 10.60 19.65
C VAL A 184 -8.33 9.80 19.17
N ALA A 185 -8.13 9.76 17.85
CA ALA A 185 -6.98 9.13 17.24
C ALA A 185 -6.13 10.20 16.57
N TYR A 186 -4.89 9.83 16.23
CA TYR A 186 -3.93 10.78 15.71
C TYR A 186 -3.22 10.24 14.48
N SER A 187 -2.82 11.17 13.62
CA SER A 187 -2.00 10.86 12.46
C SER A 187 -1.24 12.12 12.07
N SER A 188 -0.31 11.97 11.14
CA SER A 188 0.41 13.12 10.62
C SER A 188 -0.45 13.89 9.63
N ASP A 189 -0.08 15.14 9.39
CA ASP A 189 -0.73 15.92 8.35
C ASP A 189 -0.38 15.42 6.95
N GLN A 190 0.59 14.51 6.83
CA GLN A 190 0.96 13.90 5.57
C GLN A 190 0.42 12.48 5.45
N ALA A 191 -0.50 12.08 6.33
CA ALA A 191 -1.00 10.72 6.33
C ALA A 191 -1.92 10.46 5.14
N HIS A 192 -2.02 9.18 4.77
CA HIS A 192 -2.90 8.78 3.69
C HIS A 192 -4.36 8.96 4.09
N SER A 193 -5.22 9.07 3.08
CA SER A 193 -6.65 9.24 3.32
C SER A 193 -7.28 8.05 4.02
N SER A 194 -6.58 6.92 4.12
CA SER A 194 -7.13 5.74 4.78
C SER A 194 -7.28 5.95 6.28
N VAL A 195 -6.45 6.80 6.89
CA VAL A 195 -6.55 7.03 8.33
C VAL A 195 -7.86 7.75 8.67
N GLU A 196 -8.21 8.77 7.89
CA GLU A 196 -9.44 9.50 8.16
C GLU A 196 -10.67 8.65 7.86
N ARG A 197 -10.64 7.88 6.76
CA ARG A 197 -11.74 6.97 6.47
C ARG A 197 -11.91 5.95 7.59
N ALA A 198 -10.80 5.45 8.15
CA ALA A 198 -10.89 4.50 9.25
C ALA A 198 -11.52 5.14 10.48
N GLY A 199 -11.15 6.38 10.78
CA GLY A 199 -11.76 7.06 11.91
C GLY A 199 -13.23 7.35 11.70
N LEU A 200 -13.60 7.71 10.46
CA LEU A 200 -15.02 7.92 10.15
C LEU A 200 -15.79 6.60 10.23
N ILE A 201 -15.19 5.51 9.77
CA ILE A 201 -15.84 4.21 9.89
C ILE A 201 -15.93 3.78 11.35
N GLY A 202 -14.87 4.02 12.11
CA GLY A 202 -14.88 3.62 13.52
C GLY A 202 -15.66 4.54 14.43
N GLY A 203 -16.20 5.63 13.89
CA GLY A 203 -16.95 6.58 14.69
C GLY A 203 -16.15 7.28 15.77
N VAL A 204 -14.90 7.61 15.48
CA VAL A 204 -14.00 8.26 16.43
C VAL A 204 -13.42 9.51 15.79
N LYS A 205 -12.97 10.43 16.64
CA LYS A 205 -12.37 11.67 16.17
C LYS A 205 -10.92 11.43 15.77
N LEU A 206 -10.52 12.05 14.67
CA LEU A 206 -9.15 11.94 14.15
C LEU A 206 -8.57 13.34 14.03
N LYS A 207 -7.35 13.52 14.55
CA LYS A 207 -6.66 14.80 14.51
C LYS A 207 -5.29 14.62 13.86
N ALA A 208 -4.86 15.67 13.17
CA ALA A 208 -3.59 15.65 12.44
C ALA A 208 -2.50 16.34 13.25
N ILE A 209 -1.37 15.66 13.41
CA ILE A 209 -0.22 16.22 14.12
C ILE A 209 0.61 17.02 13.13
N PRO A 210 0.96 18.27 13.46
CA PRO A 210 1.77 19.07 12.52
C PRO A 210 3.16 18.49 12.35
N SER A 211 3.62 18.47 11.10
CA SER A 211 4.91 17.92 10.76
C SER A 211 5.99 19.00 10.78
N ASP A 212 7.25 18.56 10.83
CA ASP A 212 8.37 19.48 10.90
C ASP A 212 8.76 19.95 9.49
N GLY A 213 9.94 20.55 9.37
CA GLY A 213 10.41 20.99 8.07
C GLY A 213 10.64 19.85 7.09
N ASN A 214 10.98 18.67 7.61
CA ASN A 214 11.14 17.48 6.80
C ASN A 214 9.84 16.69 6.67
N PHE A 215 8.72 17.28 7.08
CA PHE A 215 7.40 16.65 6.97
C PHE A 215 7.33 15.34 7.74
N ALA A 216 7.90 15.33 8.94
CA ALA A 216 7.94 14.16 9.80
C ALA A 216 7.28 14.47 11.14
N MET A 217 6.59 13.49 11.70
CA MET A 217 5.98 13.67 13.02
C MET A 217 7.07 13.63 14.09
N ARG A 218 7.04 14.60 14.99
CA ARG A 218 8.04 14.72 16.05
C ARG A 218 7.36 14.68 17.42
N ALA A 219 8.18 14.43 18.45
CA ALA A 219 7.64 14.28 19.80
C ALA A 219 7.06 15.59 20.32
N SER A 220 7.62 16.73 19.92
CA SER A 220 7.15 18.01 20.45
C SER A 220 5.74 18.31 19.99
N ALA A 221 5.44 18.09 18.70
CA ALA A 221 4.10 18.39 18.20
C ALA A 221 3.06 17.43 18.77
N LEU A 222 3.43 16.17 18.97
CA LEU A 222 2.50 15.21 19.55
C LEU A 222 2.19 15.56 21.01
N GLN A 223 3.21 15.96 21.77
CA GLN A 223 2.99 16.35 23.16
C GLN A 223 2.10 17.59 23.26
N GLU A 224 2.20 18.50 22.29
CA GLU A 224 1.35 19.69 22.32
C GLU A 224 -0.10 19.33 22.05
N ALA A 225 -0.33 18.37 21.15
CA ALA A 225 -1.71 17.97 20.85
C ALA A 225 -2.31 17.17 22.01
N LEU A 226 -1.53 16.26 22.60
CA LEU A 226 -2.01 15.52 23.75
C LEU A 226 -2.33 16.44 24.92
N GLU A 227 -1.54 17.50 25.08
CA GLU A 227 -1.76 18.45 26.17
C GLU A 227 -3.08 19.18 25.99
N ARG A 228 -3.41 19.55 24.76
CA ARG A 228 -4.66 20.28 24.49
C ARG A 228 -5.87 19.37 24.60
N ASP A 229 -5.80 18.19 23.98
CA ASP A 229 -6.99 17.35 23.85
C ASP A 229 -7.35 16.68 25.17
N LYS A 230 -6.35 16.24 25.94
CA LYS A 230 -6.65 15.63 27.23
C LYS A 230 -7.21 16.64 28.22
N ALA A 231 -6.85 17.92 28.06
CA ALA A 231 -7.46 18.95 28.89
C ALA A 231 -8.89 19.25 28.47
N ALA A 232 -9.27 18.90 27.23
CA ALA A 232 -10.62 19.08 26.74
C ALA A 232 -11.50 17.86 26.94
N GLY A 233 -11.01 16.84 27.64
CA GLY A 233 -11.77 15.64 27.91
C GLY A 233 -11.59 14.52 26.92
N LEU A 234 -10.79 14.72 25.87
CA LEU A 234 -10.59 13.69 24.86
C LEU A 234 -9.63 12.62 25.38
N ILE A 235 -9.90 11.38 25.00
CA ILE A 235 -9.13 10.21 25.42
C ILE A 235 -8.40 9.66 24.21
N PRO A 236 -7.09 9.87 24.09
CA PRO A 236 -6.35 9.33 22.95
C PRO A 236 -6.17 7.82 23.08
N PHE A 237 -6.40 7.11 21.97
CA PHE A 237 -6.38 5.65 21.99
C PHE A 237 -5.61 5.06 20.82
N PHE A 238 -5.59 5.74 19.68
CA PHE A 238 -5.02 5.19 18.47
C PHE A 238 -4.10 6.21 17.81
N MET A 239 -3.04 5.70 17.18
CA MET A 239 -2.06 6.55 16.50
C MET A 239 -1.53 5.81 15.28
N VAL A 240 -1.54 6.48 14.14
CA VAL A 240 -0.98 5.96 12.89
C VAL A 240 0.26 6.78 12.57
N ALA A 241 1.42 6.15 12.69
CA ALA A 241 2.68 6.74 12.26
C ALA A 241 3.02 6.21 10.88
N THR A 242 3.37 7.11 9.96
CA THR A 242 3.56 6.76 8.56
C THR A 242 5.04 6.77 8.21
N LEU A 243 5.51 5.68 7.61
CA LEU A 243 6.85 5.57 7.05
C LEU A 243 6.73 5.57 5.53
N GLY A 244 7.34 6.56 4.88
CA GLY A 244 7.18 6.72 3.46
C GLY A 244 5.82 7.29 3.12
N THR A 245 5.64 8.58 3.36
CA THR A 245 4.35 9.22 3.15
C THR A 245 3.98 9.24 1.67
N THR A 246 2.67 9.21 1.42
CA THR A 246 2.18 9.31 0.04
C THR A 246 2.62 10.60 -0.62
N THR A 247 2.70 11.69 0.13
CA THR A 247 3.05 12.99 -0.44
C THR A 247 4.51 13.03 -0.86
N CYS A 248 5.43 12.91 0.09
CA CYS A 248 6.85 13.15 -0.16
C CYS A 248 7.77 12.04 0.32
N CYS A 249 7.23 10.87 0.67
CA CYS A 249 8.00 9.75 1.19
C CYS A 249 8.81 10.17 2.42
N SER A 250 8.19 10.94 3.30
CA SER A 250 8.82 11.30 4.56
C SER A 250 8.57 10.21 5.59
N PHE A 251 9.36 10.25 6.67
CA PHE A 251 9.37 9.20 7.67
C PHE A 251 9.16 9.80 9.04
N ASP A 252 8.05 9.44 9.69
CA ASP A 252 7.82 9.86 11.06
C ASP A 252 8.82 9.20 12.00
N ASN A 253 9.11 9.87 13.11
CA ASN A 253 10.13 9.41 14.05
C ASN A 253 9.48 8.47 15.05
N LEU A 254 9.73 7.16 14.89
CA LEU A 254 9.15 6.19 15.81
C LEU A 254 9.87 6.19 17.15
N LEU A 255 11.17 6.51 17.16
CA LEU A 255 11.92 6.54 18.41
C LEU A 255 11.41 7.64 19.35
N GLU A 256 10.81 8.69 18.79
CA GLU A 256 10.22 9.77 19.59
C GLU A 256 8.75 9.52 19.89
N VAL A 257 7.98 9.08 18.90
CA VAL A 257 6.54 8.92 19.08
C VAL A 257 6.21 7.63 19.81
N GLY A 258 6.97 6.56 19.53
CA GLY A 258 6.73 5.27 20.12
C GLY A 258 6.63 5.26 21.63
N PRO A 259 7.71 5.66 22.32
CA PRO A 259 7.65 5.70 23.79
C PRO A 259 6.54 6.58 24.33
N ILE A 260 6.20 7.67 23.65
CA ILE A 260 5.10 8.51 24.09
C ILE A 260 3.78 7.76 24.00
N CYS A 261 3.56 7.03 22.90
CA CYS A 261 2.33 6.26 22.76
C CYS A 261 2.25 5.13 23.78
N ASN A 262 3.39 4.55 24.16
CA ASN A 262 3.39 3.47 25.13
C ASN A 262 3.05 4.00 26.53
N LYS A 263 3.59 5.16 26.90
CA LYS A 263 3.26 5.73 28.21
C LYS A 263 1.79 6.13 28.27
N GLU A 264 1.28 6.75 27.22
CA GLU A 264 -0.11 7.19 27.16
C GLU A 264 -1.09 6.05 26.89
N ASP A 265 -0.60 4.81 26.76
CA ASP A 265 -1.43 3.65 26.43
C ASP A 265 -2.18 3.88 25.12
N ILE A 266 -1.49 4.46 24.15
CA ILE A 266 -2.04 4.72 22.83
C ILE A 266 -1.55 3.62 21.89
N TRP A 267 -2.49 2.92 21.25
CA TRP A 267 -2.13 1.92 20.25
C TRP A 267 -1.39 2.58 19.10
N LEU A 268 -0.19 2.08 18.80
CA LEU A 268 0.65 2.63 17.75
C LEU A 268 0.63 1.67 16.57
N HIS A 269 0.02 2.11 15.47
CA HIS A 269 0.04 1.39 14.20
C HIS A 269 0.98 2.10 13.25
N VAL A 270 1.83 1.35 12.56
CA VAL A 270 2.81 1.90 11.64
C VAL A 270 2.37 1.57 10.22
N ASP A 271 2.17 2.61 9.42
CA ASP A 271 1.79 2.48 8.02
C ASP A 271 3.02 2.75 7.16
N ALA A 272 3.59 1.70 6.60
CA ALA A 272 4.76 1.78 5.73
C ALA A 272 4.50 1.07 4.42
N ALA A 273 3.35 1.36 3.81
CA ALA A 273 2.86 0.61 2.66
C ALA A 273 3.90 0.53 1.55
N TYR A 274 4.49 1.68 1.18
CA TYR A 274 5.45 1.71 0.09
C TYR A 274 6.87 1.46 0.57
N ALA A 275 7.30 2.15 1.62
CA ALA A 275 8.67 2.08 2.09
C ALA A 275 9.02 0.78 2.78
N GLY A 276 8.02 0.00 3.20
CA GLY A 276 8.30 -1.22 3.95
C GLY A 276 9.11 -2.24 3.17
N SER A 277 8.94 -2.27 1.84
CA SER A 277 9.66 -3.23 1.02
C SER A 277 11.16 -2.96 1.02
N ALA A 278 11.56 -1.70 1.12
CA ALA A 278 12.98 -1.36 1.12
C ALA A 278 13.67 -1.71 2.42
N PHE A 279 12.92 -2.04 3.48
CA PHE A 279 13.53 -2.38 4.76
C PHE A 279 14.22 -3.74 4.74
N ILE A 280 14.02 -4.53 3.70
CA ILE A 280 14.80 -5.76 3.54
C ILE A 280 16.24 -5.47 3.13
N CYS A 281 16.53 -4.22 2.74
CA CYS A 281 17.90 -3.78 2.49
C CYS A 281 18.48 -3.16 3.75
N PRO A 282 19.64 -3.61 4.21
CA PRO A 282 20.17 -3.12 5.49
C PRO A 282 20.48 -1.63 5.51
N GLU A 283 20.71 -1.01 4.35
CA GLU A 283 21.00 0.43 4.33
C GLU A 283 19.77 1.26 4.64
N PHE A 284 18.57 0.72 4.46
CA PHE A 284 17.32 1.43 4.76
C PHE A 284 16.63 0.94 6.01
N ARG A 285 17.15 -0.10 6.65
CA ARG A 285 16.51 -0.67 7.84
C ARG A 285 16.49 0.32 9.01
N HIS A 286 17.41 1.29 9.03
CA HIS A 286 17.44 2.26 10.12
C HIS A 286 16.17 3.10 10.14
N LEU A 287 15.50 3.24 9.01
CA LEU A 287 14.24 3.99 8.96
C LEU A 287 13.12 3.28 9.71
N LEU A 288 13.26 1.97 9.94
CA LEU A 288 12.25 1.18 10.65
C LEU A 288 12.49 1.16 12.16
N ASN A 289 13.63 1.68 12.62
CA ASN A 289 13.93 1.68 14.05
C ASN A 289 12.84 2.39 14.83
N GLY A 290 12.36 1.75 15.90
CA GLY A 290 11.23 2.22 16.66
C GLY A 290 9.99 1.38 16.50
N VAL A 291 9.98 0.43 15.55
CA VAL A 291 8.85 -0.48 15.39
C VAL A 291 8.69 -1.39 16.60
N GLU A 292 9.72 -1.50 17.43
CA GLU A 292 9.62 -2.31 18.64
C GLU A 292 8.58 -1.73 19.60
N PHE A 293 8.32 -0.43 19.53
CA PHE A 293 7.28 0.19 20.34
C PHE A 293 5.89 0.08 19.74
N ALA A 294 5.78 -0.38 18.49
CA ALA A 294 4.50 -0.41 17.80
C ALA A 294 3.70 -1.66 18.17
N ASP A 295 2.39 -1.50 18.25
CA ASP A 295 1.49 -2.61 18.48
C ASP A 295 1.09 -3.32 17.20
N SER A 296 1.23 -2.66 16.04
CA SER A 296 0.90 -3.24 14.76
C SER A 296 1.73 -2.55 13.68
N PHE A 297 2.15 -3.33 12.69
CA PHE A 297 2.96 -2.83 11.58
C PHE A 297 2.42 -3.40 10.28
N ASN A 298 2.39 -2.57 9.25
CA ASN A 298 1.82 -2.98 7.97
C ASN A 298 2.58 -2.35 6.81
N PHE A 299 2.82 -3.14 5.78
CA PHE A 299 3.38 -2.64 4.52
C PHE A 299 2.77 -3.46 3.39
N ASN A 300 2.82 -2.89 2.18
CA ASN A 300 2.17 -3.51 1.04
C ASN A 300 3.19 -4.18 0.14
N PRO A 301 3.30 -5.51 0.14
CA PRO A 301 4.10 -6.18 -0.90
C PRO A 301 3.53 -6.01 -2.30
N HIS A 302 2.27 -5.63 -2.44
CA HIS A 302 1.69 -5.37 -3.76
C HIS A 302 2.06 -4.00 -4.30
N LYS A 303 2.99 -3.30 -3.64
CA LYS A 303 3.56 -2.06 -4.14
C LYS A 303 4.97 -2.26 -4.66
N TRP A 304 5.90 -2.62 -3.77
CA TRP A 304 7.32 -2.58 -4.09
C TRP A 304 8.04 -3.90 -3.78
N LEU A 305 7.31 -5.02 -3.72
CA LEU A 305 7.93 -6.30 -3.46
C LEU A 305 7.45 -7.38 -4.43
N LEU A 306 6.90 -6.97 -5.58
CA LEU A 306 6.61 -7.84 -6.72
C LEU A 306 5.57 -8.93 -6.41
N VAL A 307 4.76 -8.77 -5.38
CA VAL A 307 3.68 -9.70 -5.08
C VAL A 307 2.38 -9.03 -5.52
N ASN A 308 1.83 -9.49 -6.65
CA ASN A 308 0.73 -8.78 -7.30
C ASN A 308 -0.46 -8.59 -6.35
N PHE A 309 -1.15 -7.47 -6.54
CA PHE A 309 -2.36 -7.17 -5.78
C PHE A 309 -3.37 -8.30 -5.93
N ASP A 310 -3.99 -8.70 -4.82
CA ASP A 310 -3.84 -8.03 -3.53
C ASP A 310 -2.97 -8.80 -2.55
N CYS A 311 -2.13 -8.06 -1.81
CA CYS A 311 -1.31 -8.65 -0.76
C CYS A 311 -0.79 -7.52 0.13
N SER A 312 -1.33 -7.42 1.34
CA SER A 312 -0.87 -6.48 2.35
C SER A 312 -0.48 -7.24 3.59
N ALA A 313 0.75 -7.02 4.07
CA ALA A 313 1.31 -7.78 5.18
C ALA A 313 1.16 -6.98 6.47
N MET A 314 0.55 -7.59 7.48
CA MET A 314 0.28 -6.93 8.76
C MET A 314 0.68 -7.85 9.89
N TRP A 315 1.53 -7.37 10.79
CA TRP A 315 1.94 -8.09 11.98
C TRP A 315 1.39 -7.40 13.23
N VAL A 316 1.17 -8.19 14.28
CA VAL A 316 0.68 -7.67 15.55
C VAL A 316 1.49 -8.29 16.69
N LYS A 317 1.53 -7.57 17.82
CA LYS A 317 2.24 -8.06 19.00
C LYS A 317 1.43 -9.11 19.75
N LYS A 318 0.11 -8.93 19.83
CA LYS A 318 -0.77 -9.86 20.53
C LYS A 318 -1.94 -10.19 19.62
N ARG A 319 -2.03 -11.46 19.21
CA ARG A 319 -3.10 -11.88 18.32
C ARG A 319 -4.47 -11.80 19.00
N THR A 320 -4.51 -11.96 20.33
CA THR A 320 -5.78 -11.94 21.05
C THR A 320 -6.45 -10.58 20.98
N ASP A 321 -5.70 -9.50 20.72
CA ASP A 321 -6.33 -8.20 20.50
C ASP A 321 -7.20 -8.23 19.25
N LEU A 322 -6.78 -8.95 18.22
CA LEU A 322 -7.54 -9.09 16.98
C LEU A 322 -8.54 -10.24 17.05
N THR A 323 -8.08 -11.42 17.46
CA THR A 323 -8.95 -12.59 17.48
C THR A 323 -10.04 -12.47 18.54
N GLY A 324 -9.78 -11.72 19.61
CA GLY A 324 -10.77 -11.55 20.65
C GLY A 324 -11.89 -10.60 20.27
N ALA A 325 -11.61 -9.61 19.43
CA ALA A 325 -12.60 -8.63 19.02
C ALA A 325 -13.41 -9.13 17.85
N PHE A 326 -14.71 -8.83 17.85
CA PHE A 326 -15.63 -9.19 16.77
C PHE A 326 -15.62 -10.70 16.53
N ARG A 327 -15.54 -11.47 17.62
CA ARG A 327 -15.44 -12.92 17.55
C ARG A 327 -16.82 -13.54 17.45
N LEU A 328 -17.03 -14.34 16.41
CA LEU A 328 -18.24 -15.15 16.26
C LEU A 328 -17.85 -16.58 15.90
N ASP A 329 -18.56 -17.53 16.49
CA ASP A 329 -18.24 -18.95 16.35
C ASP A 329 -19.51 -19.73 16.03
N PRO A 330 -19.99 -19.64 14.78
CA PRO A 330 -21.19 -20.39 14.41
C PRO A 330 -20.87 -21.84 14.12
N THR A 331 -21.89 -22.69 14.33
CA THR A 331 -21.69 -24.13 14.18
C THR A 331 -21.28 -24.50 12.77
N TYR A 332 -21.78 -23.77 11.77
CA TYR A 332 -21.42 -24.09 10.39
C TYR A 332 -19.99 -23.68 10.04
N LEU A 333 -19.34 -22.91 10.90
CA LEU A 333 -17.94 -22.52 10.71
C LEU A 333 -17.06 -23.09 11.83
N LYS A 334 -17.49 -24.18 12.44
CA LYS A 334 -16.75 -24.85 13.51
C LYS A 334 -15.97 -26.04 12.97
N HIS A 335 -14.83 -26.32 13.58
CA HIS A 335 -14.11 -27.56 13.33
C HIS A 335 -13.40 -27.97 14.61
N SER A 336 -12.88 -29.20 14.61
CA SER A 336 -12.38 -29.81 15.83
C SER A 336 -11.02 -29.27 16.27
N HIS A 337 -10.26 -28.66 15.37
CA HIS A 337 -8.92 -28.18 15.66
C HIS A 337 -8.87 -26.67 15.91
N GLN A 338 -10.01 -26.06 16.26
CA GLN A 338 -10.03 -24.60 16.45
C GLN A 338 -9.23 -24.18 17.66
N ASP A 339 -9.16 -25.02 18.69
CA ASP A 339 -8.47 -24.65 19.93
C ASP A 339 -6.97 -24.90 19.88
N SER A 340 -6.45 -25.41 18.77
CA SER A 340 -5.02 -25.68 18.67
C SER A 340 -4.26 -24.38 18.48
N GLY A 341 -3.21 -24.18 19.29
CA GLY A 341 -2.35 -23.03 19.12
C GLY A 341 -1.41 -23.12 17.95
N LEU A 342 -1.27 -24.30 17.34
CA LEU A 342 -0.41 -24.47 16.18
C LEU A 342 -0.97 -23.78 14.95
N ILE A 343 -2.28 -23.52 14.91
CA ILE A 343 -2.90 -22.90 13.75
C ILE A 343 -3.83 -21.77 14.20
N THR A 344 -4.62 -21.25 13.28
CA THR A 344 -5.55 -20.18 13.59
C THR A 344 -6.60 -20.13 12.49
N ASP A 345 -7.64 -19.34 12.73
CA ASP A 345 -8.65 -19.02 11.74
C ASP A 345 -8.56 -17.52 11.45
N TYR A 346 -7.95 -17.18 10.31
CA TYR A 346 -7.72 -15.78 9.92
C TYR A 346 -9.01 -14.98 9.73
N ARG A 347 -10.19 -15.58 9.85
CA ARG A 347 -11.43 -14.81 9.69
C ARG A 347 -11.56 -13.71 10.73
N HIS A 348 -11.05 -13.92 11.94
CA HIS A 348 -11.14 -12.92 12.99
C HIS A 348 -10.14 -11.78 12.80
N TRP A 349 -9.13 -11.99 11.95
CA TRP A 349 -8.11 -10.98 11.70
C TRP A 349 -8.52 -9.97 10.64
N GLN A 350 -9.61 -10.21 9.92
CA GLN A 350 -9.97 -9.44 8.74
C GLN A 350 -11.43 -9.05 8.79
N ILE A 351 -11.75 -7.97 8.08
CA ILE A 351 -13.14 -7.56 7.92
C ILE A 351 -13.96 -8.63 7.20
N PRO A 352 -13.53 -9.16 6.06
CA PRO A 352 -14.31 -10.23 5.42
C PRO A 352 -14.19 -11.54 6.17
N LEU A 353 -15.00 -12.50 5.76
CA LEU A 353 -14.90 -13.87 6.23
C LEU A 353 -14.12 -14.75 5.27
N GLY A 354 -14.45 -14.68 3.99
CA GLY A 354 -13.74 -15.47 2.99
C GLY A 354 -12.39 -14.87 2.62
N ARG A 355 -11.53 -15.75 2.11
CA ARG A 355 -10.19 -15.35 1.69
C ARG A 355 -9.63 -16.43 0.78
N ARG A 356 -8.66 -16.05 -0.04
CA ARG A 356 -8.07 -16.96 -1.03
C ARG A 356 -6.63 -17.26 -0.68
N PHE A 357 -6.05 -18.20 -1.42
CA PHE A 357 -4.71 -18.71 -1.17
C PHE A 357 -3.67 -17.73 -1.70
N ARG A 358 -3.64 -16.53 -1.08
CA ARG A 358 -2.75 -15.48 -1.54
C ARG A 358 -1.30 -15.72 -1.11
N SER A 359 -1.07 -16.59 -0.12
CA SER A 359 0.29 -16.85 0.33
C SER A 359 1.11 -17.61 -0.72
N LEU A 360 0.46 -18.19 -1.72
CA LEU A 360 1.20 -18.80 -2.82
C LEU A 360 2.01 -17.77 -3.60
N LYS A 361 1.49 -16.55 -3.73
CA LYS A 361 2.22 -15.51 -4.44
C LYS A 361 3.48 -15.10 -3.68
N MET A 362 3.38 -14.96 -2.36
CA MET A 362 4.56 -14.68 -1.55
C MET A 362 5.56 -15.82 -1.65
N TRP A 363 5.07 -17.07 -1.58
CA TRP A 363 5.95 -18.23 -1.69
C TRP A 363 6.69 -18.23 -3.02
N PHE A 364 5.97 -18.01 -4.12
CA PHE A 364 6.59 -18.07 -5.44
C PHE A 364 7.58 -16.93 -5.64
N VAL A 365 7.18 -15.70 -5.30
CA VAL A 365 8.05 -14.55 -5.52
C VAL A 365 9.32 -14.67 -4.68
N PHE A 366 9.18 -15.08 -3.41
CA PHE A 366 10.35 -15.17 -2.54
C PHE A 366 11.32 -16.23 -3.03
N ARG A 367 10.81 -17.35 -3.56
CA ARG A 367 11.68 -18.45 -3.95
C ARG A 367 12.29 -18.23 -5.33
N MET A 368 11.51 -17.75 -6.29
CA MET A 368 12.02 -17.60 -7.65
C MET A 368 12.92 -16.38 -7.79
N TYR A 369 12.70 -15.35 -7.00
CA TYR A 369 13.57 -14.17 -7.02
C TYR A 369 14.70 -14.28 -6.00
N GLY A 370 14.40 -14.80 -4.81
CA GLY A 370 15.36 -14.81 -3.73
C GLY A 370 15.43 -13.46 -3.02
N VAL A 371 16.00 -13.48 -1.82
CA VAL A 371 16.14 -12.25 -1.05
C VAL A 371 17.07 -11.29 -1.78
N LYS A 372 18.18 -11.80 -2.31
CA LYS A 372 19.11 -10.92 -3.03
C LYS A 372 18.52 -10.39 -4.32
N GLY A 373 17.64 -11.16 -4.97
CA GLY A 373 16.98 -10.67 -6.17
C GLY A 373 16.01 -9.54 -5.87
N LEU A 374 15.30 -9.63 -4.74
CA LEU A 374 14.40 -8.56 -4.34
C LEU A 374 15.18 -7.33 -3.88
N GLN A 375 16.31 -7.54 -3.22
CA GLN A 375 17.14 -6.42 -2.79
C GLN A 375 17.71 -5.67 -3.98
N ALA A 376 18.09 -6.39 -5.05
CA ALA A 376 18.60 -5.74 -6.25
C ALA A 376 17.50 -4.98 -6.98
N TYR A 377 16.26 -5.46 -6.89
CA TYR A 377 15.14 -4.74 -7.51
C TYR A 377 14.86 -3.43 -6.79
N ILE A 378 15.00 -3.42 -5.47
CA ILE A 378 14.79 -2.19 -4.70
C ILE A 378 15.88 -1.18 -4.99
N ARG A 379 17.14 -1.63 -4.98
CA ARG A 379 18.26 -0.71 -5.12
C ARG A 379 18.34 -0.11 -6.51
N LYS A 380 17.91 -0.85 -7.54
CA LYS A 380 17.90 -0.28 -8.89
C LYS A 380 16.88 0.84 -9.00
N HIS A 381 15.74 0.71 -8.32
CA HIS A 381 14.74 1.77 -8.34
C HIS A 381 15.23 3.02 -7.61
N VAL A 382 15.88 2.84 -6.46
CA VAL A 382 16.39 3.98 -5.71
C VAL A 382 17.50 4.68 -6.48
N GLN A 383 18.35 3.91 -7.16
CA GLN A 383 19.38 4.51 -8.00
C GLN A 383 18.76 5.34 -9.12
N LEU A 384 17.65 4.86 -9.70
CA LEU A 384 16.99 5.61 -10.76
C LEU A 384 16.32 6.87 -10.22
N SER A 385 15.87 6.84 -8.96
CA SER A 385 15.30 8.04 -8.36
C SER A 385 16.36 9.11 -8.13
N HIS A 386 17.54 8.69 -7.65
CA HIS A 386 18.64 9.64 -7.48
C HIS A 386 19.14 10.17 -8.82
N GLU A 387 18.97 9.39 -9.89
CA GLU A 387 19.38 9.87 -11.21
C GLU A 387 18.43 10.97 -11.70
N PHE A 388 17.13 10.80 -11.48
CA PHE A 388 16.19 11.88 -11.79
C PHE A 388 16.45 13.10 -10.91
N GLU A 389 16.77 12.87 -9.63
CA GLU A 389 17.09 13.96 -8.73
C GLU A 389 18.30 14.75 -9.22
N SER A 390 19.34 14.06 -9.69
CA SER A 390 20.52 14.74 -10.19
C SER A 390 20.19 15.65 -11.37
N LEU A 391 19.31 15.18 -12.26
CA LEU A 391 18.94 15.98 -13.42
C LEU A 391 18.20 17.25 -13.01
N VAL A 392 17.30 17.14 -12.02
CA VAL A 392 16.58 18.31 -11.55
C VAL A 392 17.52 19.28 -10.84
N ARG A 393 18.48 18.75 -10.07
CA ARG A 393 19.43 19.59 -9.36
C ARG A 393 20.44 20.27 -10.28
N GLN A 394 20.43 19.93 -11.57
CA GLN A 394 21.28 20.61 -12.55
C GLN A 394 20.57 21.76 -13.24
N ASP A 395 19.30 22.00 -12.93
CA ASP A 395 18.53 23.08 -13.53
C ASP A 395 18.11 24.06 -12.43
N PRO A 396 18.61 25.30 -12.44
CA PRO A 396 18.24 26.26 -11.38
C PRO A 396 16.80 26.71 -11.45
N ARG A 397 16.10 26.46 -12.56
CA ARG A 397 14.68 26.78 -12.65
C ARG A 397 13.81 25.86 -11.80
N PHE A 398 14.35 24.75 -11.32
CA PHE A 398 13.62 23.77 -10.54
C PHE A 398 14.17 23.73 -9.11
N GLU A 399 13.43 23.07 -8.23
CA GLU A 399 13.83 22.91 -6.84
C GLU A 399 13.31 21.58 -6.32
N ILE A 400 14.07 20.98 -5.41
CA ILE A 400 13.69 19.74 -4.74
C ILE A 400 13.15 20.10 -3.36
N CYS A 401 11.88 19.79 -3.11
CA CYS A 401 11.24 20.23 -1.89
C CYS A 401 11.60 19.36 -0.68
N VAL A 402 11.76 18.05 -0.89
CA VAL A 402 12.02 17.11 0.19
C VAL A 402 13.18 16.20 -0.20
N GLU A 403 13.91 15.74 0.81
CA GLU A 403 15.04 14.84 0.58
C GLU A 403 14.57 13.56 -0.12
N VAL A 404 15.36 13.12 -1.10
CA VAL A 404 15.07 11.90 -1.85
C VAL A 404 15.78 10.74 -1.18
N ILE A 405 15.02 9.67 -0.90
CA ILE A 405 15.57 8.55 -0.13
C ILE A 405 15.21 7.21 -0.76
N LEU A 406 13.95 7.02 -1.12
CA LEU A 406 13.45 5.69 -1.48
C LEU A 406 12.51 5.73 -2.69
N GLY A 407 12.98 6.31 -3.78
CA GLY A 407 12.28 6.14 -5.05
C GLY A 407 11.24 7.18 -5.41
N LEU A 408 11.11 8.26 -4.64
CA LEU A 408 10.18 9.33 -4.96
C LEU A 408 10.92 10.66 -4.92
N VAL A 409 10.72 11.47 -5.96
CA VAL A 409 11.32 12.79 -6.07
C VAL A 409 10.21 13.82 -6.15
N CYS A 410 10.16 14.72 -5.18
CA CYS A 410 9.20 15.81 -5.16
C CYS A 410 9.88 17.07 -5.67
N PHE A 411 9.48 17.54 -6.85
CA PHE A 411 10.13 18.65 -7.53
C PHE A 411 9.07 19.63 -8.02
N ARG A 412 9.51 20.84 -8.33
CA ARG A 412 8.63 21.88 -8.85
C ARG A 412 9.46 22.97 -9.48
N LEU A 413 8.86 23.69 -10.42
CA LEU A 413 9.47 24.90 -10.94
C LEU A 413 9.46 25.98 -9.88
N LYS A 414 10.59 26.66 -9.70
CA LYS A 414 10.66 27.74 -8.72
C LYS A 414 9.71 28.86 -9.11
N GLY A 415 8.83 29.22 -8.18
CA GLY A 415 7.88 30.29 -8.43
C GLY A 415 6.47 29.98 -7.98
N SER A 416 5.49 30.41 -8.76
CA SER A 416 4.10 30.26 -8.38
C SER A 416 3.66 28.80 -8.42
N ASN A 417 2.50 28.53 -7.83
CA ASN A 417 1.85 27.25 -8.03
C ASN A 417 1.14 27.16 -9.36
N LYS A 418 0.80 28.31 -9.96
CA LYS A 418 0.12 28.32 -11.26
C LYS A 418 1.03 27.78 -12.35
N VAL A 419 2.32 28.14 -12.31
CA VAL A 419 3.24 27.69 -13.35
C VAL A 419 3.48 26.18 -13.24
N ASN A 420 3.44 25.63 -12.02
CA ASN A 420 3.60 24.19 -11.86
C ASN A 420 2.33 23.44 -12.21
N GLU A 421 1.17 24.04 -11.97
CA GLU A 421 -0.09 23.43 -12.41
C GLU A 421 -0.20 23.42 -13.92
N ALA A 422 0.33 24.44 -14.59
CA ALA A 422 0.34 24.47 -16.05
C ALA A 422 1.28 23.41 -16.62
N LEU A 423 2.43 23.22 -15.98
CA LEU A 423 3.38 22.21 -16.44
C LEU A 423 2.79 20.81 -16.33
N LEU A 424 2.08 20.52 -15.24
CA LEU A 424 1.47 19.21 -15.08
C LEU A 424 0.39 18.98 -16.14
N GLN A 425 -0.38 20.02 -16.46
CA GLN A 425 -1.40 19.88 -17.49
C GLN A 425 -0.78 19.56 -18.85
N ARG A 426 0.33 20.23 -19.18
CA ARG A 426 1.01 19.94 -20.44
C ARG A 426 1.55 18.51 -20.46
N ILE A 427 2.05 18.04 -19.32
CA ILE A 427 2.62 16.69 -19.26
C ILE A 427 1.53 15.65 -19.45
N ASN A 428 0.43 15.76 -18.70
CA ASN A 428 -0.65 14.78 -18.81
C ASN A 428 -1.42 14.91 -20.12
N SER A 429 -1.37 16.08 -20.77
CA SER A 429 -2.00 16.21 -22.08
C SER A 429 -1.17 15.55 -23.18
N ALA A 430 0.16 15.59 -23.06
CA ALA A 430 1.01 14.97 -24.06
C ALA A 430 0.93 13.45 -24.00
N LYS A 431 0.61 12.90 -22.83
CA LYS A 431 0.40 11.48 -22.58
C LYS A 431 1.64 10.63 -22.84
N LYS A 432 2.82 11.25 -22.92
CA LYS A 432 4.05 10.48 -23.08
C LYS A 432 4.52 9.90 -21.75
N ILE A 433 4.34 10.66 -20.66
CA ILE A 433 4.61 10.19 -19.31
C ILE A 433 3.41 10.56 -18.44
N HIS A 434 3.30 9.90 -17.29
CA HIS A 434 2.19 10.11 -16.38
C HIS A 434 2.73 10.39 -14.99
N LEU A 435 2.43 11.59 -14.47
CA LEU A 435 2.82 12.00 -13.14
C LEU A 435 1.61 12.54 -12.40
N VAL A 436 1.66 12.53 -11.07
CA VAL A 436 0.58 13.05 -10.25
C VAL A 436 1.13 14.09 -9.28
N PRO A 437 0.33 15.07 -8.85
CA PRO A 437 0.84 16.12 -7.97
C PRO A 437 0.55 15.87 -6.50
N CYS A 438 1.05 16.77 -5.65
CA CYS A 438 0.71 16.76 -4.23
C CYS A 438 0.79 18.20 -3.72
N HIS A 439 0.28 18.41 -2.51
CA HIS A 439 0.30 19.72 -1.87
C HIS A 439 1.09 19.62 -0.57
N LEU A 440 2.26 20.25 -0.54
CA LEU A 440 3.06 20.37 0.67
C LEU A 440 2.77 21.75 1.26
N ARG A 441 2.01 21.77 2.36
CA ARG A 441 1.51 23.00 2.98
C ARG A 441 0.67 23.72 1.94
N ASP A 442 1.04 24.91 1.48
CA ASP A 442 0.32 25.63 0.45
C ASP A 442 1.02 25.57 -0.91
N LYS A 443 1.94 24.63 -1.08
CA LYS A 443 2.83 24.58 -2.23
C LYS A 443 2.44 23.41 -3.13
N PHE A 444 2.16 23.72 -4.40
CA PHE A 444 1.84 22.71 -5.40
C PHE A 444 3.13 22.06 -5.88
N VAL A 445 3.27 20.76 -5.62
CA VAL A 445 4.51 20.04 -5.86
C VAL A 445 4.23 18.84 -6.76
N LEU A 446 5.06 18.66 -7.78
CA LEU A 446 4.98 17.50 -8.65
C LEU A 446 5.78 16.34 -8.06
N ARG A 447 5.34 15.12 -8.36
CA ARG A 447 5.96 13.91 -7.85
C ARG A 447 6.47 13.05 -9.00
N PHE A 448 7.63 12.45 -8.81
CA PHE A 448 8.22 11.52 -9.77
C PHE A 448 8.52 10.22 -9.03
N ALA A 449 7.81 9.16 -9.38
CA ALA A 449 7.91 7.88 -8.69
C ALA A 449 8.41 6.81 -9.65
N ILE A 450 9.41 6.04 -9.21
CA ILE A 450 9.92 4.91 -9.98
C ILE A 450 8.96 3.75 -9.77
N CYS A 451 8.28 3.32 -10.83
CA CYS A 451 7.19 2.36 -10.70
C CYS A 451 7.46 1.04 -11.41
N SER A 452 7.67 1.06 -12.73
CA SER A 452 7.71 -0.17 -13.50
C SER A 452 8.90 -1.04 -13.13
N ARG A 453 8.69 -2.36 -13.22
CA ARG A 453 9.78 -3.31 -12.99
C ARG A 453 10.79 -3.27 -14.13
N THR A 454 10.37 -2.89 -15.34
CA THR A 454 11.23 -2.84 -16.50
C THR A 454 11.79 -1.44 -16.77
N VAL A 455 11.65 -0.52 -15.82
CA VAL A 455 12.15 0.84 -16.02
C VAL A 455 13.67 0.83 -16.01
N GLU A 456 14.27 1.69 -16.83
CA GLU A 456 15.72 1.77 -16.98
C GLU A 456 16.14 3.23 -16.92
N SER A 457 17.46 3.46 -16.94
CA SER A 457 17.98 4.81 -16.89
C SER A 457 17.58 5.63 -18.10
N ALA A 458 17.40 4.98 -19.25
CA ALA A 458 17.01 5.71 -20.46
C ALA A 458 15.62 6.31 -20.33
N HIS A 459 14.68 5.57 -19.74
CA HIS A 459 13.33 6.06 -19.61
C HIS A 459 13.26 7.29 -18.71
N VAL A 460 14.05 7.30 -17.63
CA VAL A 460 14.06 8.44 -16.72
C VAL A 460 14.67 9.66 -17.41
N GLN A 461 15.72 9.45 -18.20
CA GLN A 461 16.37 10.56 -18.89
C GLN A 461 15.45 11.18 -19.94
N ARG A 462 14.69 10.34 -20.66
CA ARG A 462 13.76 10.86 -21.65
C ARG A 462 12.60 11.59 -20.99
N ALA A 463 12.19 11.15 -19.79
CA ALA A 463 11.11 11.84 -19.10
C ALA A 463 11.53 13.22 -18.63
N TRP A 464 12.77 13.35 -18.15
CA TRP A 464 13.27 14.66 -17.74
C TRP A 464 13.44 15.59 -18.93
N GLU A 465 13.82 15.06 -20.09
CA GLU A 465 13.89 15.88 -21.30
C GLU A 465 12.50 16.40 -21.66
N HIS A 466 11.47 15.57 -21.52
CA HIS A 466 10.11 16.00 -21.83
C HIS A 466 9.64 17.06 -20.85
N ILE A 467 9.96 16.89 -19.56
CA ILE A 467 9.55 17.87 -18.55
C ILE A 467 10.28 19.19 -18.76
N LYS A 468 11.57 19.14 -19.08
CA LYS A 468 12.35 20.35 -19.27
C LYS A 468 11.87 21.12 -20.50
N GLU A 469 11.47 20.40 -21.56
CA GLU A 469 10.99 21.06 -22.76
C GLU A 469 9.66 21.75 -22.52
N LEU A 470 8.74 21.09 -21.80
CA LEU A 470 7.45 21.70 -21.51
C LEU A 470 7.57 22.82 -20.49
N ALA A 471 8.59 22.77 -19.62
CA ALA A 471 8.76 23.83 -18.63
C ALA A 471 9.12 25.15 -19.29
N ALA A 472 9.95 25.11 -20.34
CA ALA A 472 10.32 26.34 -21.04
C ALA A 472 9.12 26.95 -21.76
N ASP A 473 8.26 26.10 -22.33
CA ASP A 473 7.05 26.61 -22.97
C ASP A 473 6.13 27.27 -21.96
N VAL A 474 5.99 26.65 -20.78
CA VAL A 474 5.10 27.20 -19.75
C VAL A 474 5.70 28.45 -19.13
N LEU A 475 7.01 28.43 -18.86
CA LEU A 475 7.66 29.63 -18.31
C LEU A 475 7.63 30.78 -19.30
N ARG A 476 7.63 30.49 -20.60
CA ARG A 476 7.51 31.56 -21.59
C ARG A 476 6.13 32.20 -21.56
N ALA A 477 5.08 31.37 -21.44
CA ALA A 477 3.72 31.90 -21.39
C ALA A 477 3.43 32.67 -20.11
N GLU A 478 4.19 32.42 -19.04
CA GLU A 478 3.99 33.20 -17.81
C GLU A 478 4.46 34.64 -17.99
N ARG A 479 5.46 34.86 -18.84
CA ARG A 479 5.94 36.21 -19.16
C ARG A 479 5.17 36.82 -20.33
N GLU A 480 3.86 36.61 -20.37
CA GLU A 480 3.00 37.21 -21.39
C GLU A 480 1.54 37.15 -20.96
N1 PLP B . -0.79 4.01 2.99
C2 PLP B . 0.10 4.71 2.26
C2A PLP B . 1.18 5.32 2.89
C3 PLP B . -0.07 4.81 0.88
O3 PLP B . 0.84 5.51 0.16
C4 PLP B . -1.14 4.21 0.22
C4A PLP B . -1.26 4.34 -1.18
C5 PLP B . -2.05 3.49 0.98
C6 PLP B . -1.88 3.39 2.36
C5A PLP B . -3.14 2.86 0.37
O4P PLP B . -3.10 1.46 0.66
P PLP B . -3.92 0.43 -0.26
O1P PLP B . -5.36 0.42 0.45
O2P PLP B . -3.31 -0.90 -0.11
O3P PLP B . -4.06 1.02 -1.61
N1 W5I C . -0.44 4.52 -2.35
C2 W5I C . -1.63 3.15 -4.61
C3 W5I C . -2.53 2.20 -4.16
C4 W5I C . -2.22 0.85 -4.35
C5 W5I C . -1.05 0.48 -4.99
C6 W5I C . -0.15 1.43 -5.45
C7 W5I C . -1.87 4.51 -4.46
C8 W5I C . -1.67 5.00 -3.04
C9 W5I C . -1.89 6.54 -3.05
C10 W5I C . 0.38 7.21 -3.79
C1 W5I C . -0.45 2.76 -5.25
O1 W5I C . -0.82 -0.86 -5.14
O2 W5I C . -3.04 -0.15 -3.94
O3 W5I C . -3.25 6.85 -3.32
O4 W5I C . -1.04 7.27 -3.98
O1 PG4 D . 19.15 17.43 -20.39
C1 PG4 D . 19.33 16.68 -19.19
C2 PG4 D . 20.21 17.50 -18.22
O2 PG4 D . 19.56 18.74 -17.91
C3 PG4 D . 20.46 19.56 -17.15
C4 PG4 D . 19.82 20.92 -16.88
O3 PG4 D . 19.53 21.55 -18.13
C5 PG4 D . 19.14 22.92 -17.91
C6 PG4 D . 18.41 23.44 -19.15
O4 PG4 D . 19.27 23.36 -20.30
C7 PG4 D . 18.51 23.56 -21.49
C8 PG4 D . 17.87 24.94 -21.50
O5 PG4 D . 18.90 25.94 -21.43
#